data_1GHV
#
_entry.id   1GHV
#
_cell.length_a   71.62
_cell.length_b   72.07
_cell.length_c   73.20
_cell.angle_alpha   90.0
_cell.angle_beta   101.14
_cell.angle_gamma   90.0
#
_symmetry.space_group_name_H-M   'C 1 2 1'
#
loop_
_entity.id
_entity.type
_entity.pdbx_description
1 polymer THROMBIN
2 polymer THROMBIN
3 polymer 'ACETYL HIRUDIN'
4 non-polymer 'SODIUM ION'
5 non-polymer 2-(2-OXO-1,2-DIHYDRO-PYRIDIN-3-YL)-1H-BENZOIMIDAZOLE-5-CARBOXAMIDINE
6 water water
#
loop_
_entity_poly.entity_id
_entity_poly.type
_entity_poly.pdbx_seq_one_letter_code
_entity_poly.pdbx_strand_id
1 'polypeptide(L)' TFGSGEADCGLRPLFEKKSLEDKTERELLESYIDGR L
2 'polypeptide(L)'
;IVEGSDAEIGMSPWQVMLFRKSPQELLCGASLISDRWVLTAAHCLLYPPWDKNFTENDLLVRIGKHSRTRYERNIEKISM
LEKIYIHPRYNWRENLDRDIALMKLKKPVAFSDYIHPVCLPDRETAASLLQAGYKGRVTGWGNLKETWTANVGKGQPSVL
QVVNLPIVERPVCKDSTRIRITDNMFCAGYKPDEGKRGDACEGDSGGPFVMKSPFNNRWYQMGIVSWGEGCDRDGKYGFY
THVFRLKKWIQKVIDQF
;
H
3 'polypeptide(L)' DFEEIPEE(TYS)LQ I
#
# COMPACT_ATOMS: atom_id res chain seq x y z
N THR A 1 6.03 -2.69 -16.36
CA THR A 1 5.04 -2.15 -17.33
C THR A 1 4.34 -3.44 -17.74
N PHE A 2 5.12 -4.32 -18.28
CA PHE A 2 4.53 -5.61 -18.71
C PHE A 2 4.35 -6.31 -17.34
N GLY A 3 4.04 -7.56 -17.33
CA GLY A 3 3.87 -8.24 -16.01
C GLY A 3 5.16 -8.13 -15.19
N SER A 4 5.07 -8.54 -13.96
CA SER A 4 6.21 -8.51 -13.00
C SER A 4 6.55 -7.05 -12.60
N GLY A 5 6.82 -6.14 -13.51
CA GLY A 5 7.14 -4.75 -13.02
C GLY A 5 8.15 -3.88 -13.76
N GLU A 6 9.29 -3.70 -13.13
CA GLU A 6 10.42 -2.87 -13.70
C GLU A 6 11.69 -3.61 -14.11
N ALA A 7 12.21 -4.47 -13.27
CA ALA A 7 13.46 -5.26 -13.54
C ALA A 7 14.27 -5.26 -12.30
N ASP A 8 14.52 -4.08 -11.80
CA ASP A 8 15.34 -3.96 -10.53
C ASP A 8 14.37 -3.67 -9.36
N CYS A 9 13.11 -3.99 -9.53
CA CYS A 9 12.07 -3.75 -8.47
C CYS A 9 12.37 -4.43 -7.14
N GLY A 10 11.78 -3.92 -6.10
CA GLY A 10 11.97 -4.52 -4.75
C GLY A 10 13.34 -4.55 -4.12
N LEU A 11 14.33 -3.95 -4.71
CA LEU A 11 15.69 -3.96 -4.08
C LEU A 11 15.85 -2.54 -3.61
N ARG A 12 15.75 -2.29 -2.32
CA ARG A 12 15.90 -0.87 -1.81
C ARG A 12 17.36 -0.32 -1.83
N PRO A 13 17.58 0.83 -2.42
CA PRO A 13 18.86 1.54 -2.44
C PRO A 13 19.62 1.60 -1.14
N LEU A 14 18.94 1.98 -0.11
CA LEU A 14 19.61 2.08 1.22
C LEU A 14 19.65 0.80 2.03
N PHE A 15 19.14 -0.27 1.52
CA PHE A 15 19.18 -1.52 2.31
C PHE A 15 19.70 -2.67 1.46
N GLU A 16 18.87 -3.40 0.77
CA GLU A 16 19.36 -4.53 -0.06
C GLU A 16 20.60 -4.23 -0.85
N LYS A 17 20.55 -3.16 -1.61
CA LYS A 17 21.71 -2.75 -2.46
C LYS A 17 23.02 -2.55 -1.67
N LYS A 18 22.96 -2.22 -0.41
CA LYS A 18 24.20 -2.02 0.41
C LYS A 18 24.30 -3.15 1.39
N SER A 19 23.48 -4.14 1.18
CA SER A 19 23.44 -5.35 2.03
C SER A 19 23.16 -4.97 3.48
N LEU A 20 22.30 -3.98 3.69
CA LEU A 20 21.96 -3.53 5.08
C LEU A 20 20.51 -4.03 5.36
N GLU A 21 20.18 -4.33 6.58
CA GLU A 21 18.80 -4.81 6.94
C GLU A 21 18.06 -3.77 7.79
N ASP A 22 16.79 -3.62 7.56
CA ASP A 22 16.02 -2.63 8.36
C ASP A 22 15.78 -3.34 9.71
N LYS A 23 15.31 -2.68 10.71
CA LYS A 23 15.13 -3.40 11.99
C LYS A 23 14.08 -4.46 12.18
N THR A 24 13.12 -4.61 11.34
CA THR A 24 12.13 -5.69 11.60
C THR A 24 11.96 -6.60 10.41
N GLU A 25 12.85 -6.60 9.43
CA GLU A 25 12.53 -7.54 8.31
C GLU A 25 12.74 -8.97 8.79
N ARG A 26 13.70 -9.16 9.63
CA ARG A 26 13.99 -10.50 10.19
C ARG A 26 12.69 -11.15 10.70
N GLU A 27 11.81 -10.35 11.24
CA GLU A 27 10.51 -10.86 11.78
C GLU A 27 9.70 -11.52 10.68
N LEU A 28 9.71 -10.90 9.56
CA LEU A 28 8.97 -11.42 8.37
C LEU A 28 9.57 -12.75 7.94
N LEU A 29 10.83 -12.70 7.67
CA LEU A 29 11.59 -13.90 7.22
C LEU A 29 11.45 -15.03 8.24
N GLU A 30 11.46 -14.65 9.47
CA GLU A 30 11.31 -15.71 10.49
C GLU A 30 9.90 -16.27 10.40
N SER A 31 8.94 -15.55 9.88
CA SER A 31 7.60 -16.18 9.83
C SER A 31 7.39 -17.01 8.57
N TYR A 32 8.34 -17.13 7.69
CA TYR A 32 8.08 -17.97 6.46
C TYR A 32 8.91 -19.18 6.84
N ILE A 33 8.51 -19.77 7.93
CA ILE A 33 9.18 -20.99 8.52
C ILE A 33 10.74 -20.83 8.47
N ASP A 34 11.10 -19.58 8.55
CA ASP A 34 12.48 -19.03 8.55
C ASP A 34 13.06 -19.05 7.13
N GLY A 35 13.60 -17.94 6.69
CA GLY A 35 14.18 -17.88 5.31
C GLY A 35 15.70 -17.76 5.14
N ARG A 36 16.37 -18.89 5.24
CA ARG A 36 17.86 -19.08 5.11
C ARG A 36 18.15 -20.42 5.81
N ILE B 1 -1.72 3.85 11.18
CA ILE B 1 -1.21 2.55 11.61
C ILE B 1 -1.35 2.64 13.10
N VAL B 2 -1.96 1.63 13.67
CA VAL B 2 -2.21 1.54 15.12
C VAL B 2 -1.20 0.48 15.56
N GLU B 3 -0.42 0.82 16.57
CA GLU B 3 0.63 -0.08 17.15
C GLU B 3 1.76 -0.41 16.19
N GLY B 4 2.18 0.56 15.43
CA GLY B 4 3.29 0.42 14.44
C GLY B 4 4.40 1.34 14.95
N SER B 5 5.53 1.34 14.32
CA SER B 5 6.65 2.21 14.78
C SER B 5 6.97 3.15 13.63
N ASP B 6 7.88 4.05 13.90
CA ASP B 6 8.29 5.04 12.88
C ASP B 6 9.13 4.28 11.90
N ALA B 7 8.91 4.47 10.65
CA ALA B 7 9.73 3.75 9.65
C ALA B 7 11.12 4.34 9.65
N GLU B 8 11.94 3.80 8.80
CA GLU B 8 13.32 4.28 8.68
C GLU B 8 13.40 5.03 7.37
N ILE B 9 14.41 5.82 7.24
CA ILE B 9 14.57 6.59 5.99
C ILE B 9 14.83 5.55 4.85
N GLY B 10 14.11 5.64 3.79
CA GLY B 10 14.25 4.74 2.60
C GLY B 10 13.78 3.29 2.83
N MET B 11 13.03 3.07 3.86
CA MET B 11 12.51 1.70 4.20
C MET B 11 11.45 1.26 3.18
N SER B 12 10.57 2.12 2.84
CA SER B 12 9.50 1.79 1.87
C SER B 12 9.54 2.80 0.72
N PRO B 13 10.54 2.73 -0.12
CA PRO B 13 10.75 3.75 -1.15
C PRO B 13 9.66 3.82 -2.17
N TRP B 14 8.75 2.90 -2.08
CA TRP B 14 7.61 2.85 -3.05
C TRP B 14 6.38 3.45 -2.46
N GLN B 15 6.46 3.87 -1.23
CA GLN B 15 5.27 4.49 -0.60
C GLN B 15 5.04 5.81 -1.32
N VAL B 16 3.80 6.02 -1.70
CA VAL B 16 3.35 7.22 -2.39
C VAL B 16 2.21 7.82 -1.51
N MET B 17 1.96 9.11 -1.61
CA MET B 17 0.88 9.83 -0.82
C MET B 17 -0.10 10.43 -1.84
N LEU B 18 -1.39 10.29 -1.69
CA LEU B 18 -2.35 10.91 -2.70
C LEU B 18 -2.70 12.16 -1.95
N PHE B 19 -2.44 13.25 -2.60
CA PHE B 19 -2.70 14.57 -1.98
C PHE B 19 -3.73 15.33 -2.80
N ARG B 20 -4.66 15.89 -2.09
CA ARG B 20 -5.74 16.67 -2.75
C ARG B 20 -5.18 18.08 -2.82
N LYS B 21 -5.55 18.77 -3.87
CA LYS B 21 -5.07 20.14 -4.04
C LYS B 21 -5.88 21.14 -3.17
N SER B 22 -7.19 21.08 -3.13
CA SER B 22 -7.94 22.05 -2.27
C SER B 22 -9.19 21.36 -1.70
N PRO B 23 -9.36 21.32 -0.41
CA PRO B 23 -8.32 21.67 0.62
C PRO B 23 -7.06 20.76 0.44
N GLN B 24 -5.91 21.25 0.83
CA GLN B 24 -4.68 20.42 0.67
C GLN B 24 -4.75 19.41 1.78
N GLU B 25 -4.85 18.16 1.45
CA GLU B 25 -4.93 17.10 2.52
C GLU B 25 -4.54 15.71 2.06
N LEU B 26 -4.22 14.91 3.03
CA LEU B 26 -3.81 13.50 2.77
C LEU B 26 -5.13 12.79 2.56
N LEU B 27 -5.12 12.06 1.51
CA LEU B 27 -6.29 11.29 1.10
C LEU B 27 -6.11 9.79 1.40
N CYS B 28 -5.13 9.24 0.73
CA CYS B 28 -4.80 7.81 0.87
C CYS B 28 -3.31 7.63 0.57
N GLY B 29 -2.95 6.39 0.60
CA GLY B 29 -1.58 5.96 0.33
C GLY B 29 -1.71 5.33 -1.05
N ALA B 30 -0.60 5.04 -1.65
CA ALA B 30 -0.57 4.43 -3.01
C ALA B 30 0.84 3.77 -3.02
N SER B 31 1.24 3.15 -4.09
CA SER B 31 2.58 2.52 -4.19
C SER B 31 3.11 2.82 -5.62
N LEU B 32 4.42 2.85 -5.74
CA LEU B 32 5.13 3.13 -7.03
C LEU B 32 5.49 1.77 -7.61
N ILE B 33 4.91 1.44 -8.74
CA ILE B 33 5.21 0.13 -9.40
C ILE B 33 6.13 0.34 -10.63
N SER B 34 6.22 1.52 -11.20
CA SER B 34 7.14 1.72 -12.36
C SER B 34 7.47 3.22 -12.36
N ASP B 35 8.21 3.72 -13.31
CA ASP B 35 8.52 5.19 -13.26
C ASP B 35 7.25 6.00 -13.58
N ARG B 36 6.23 5.37 -14.13
CA ARG B 36 4.97 6.10 -14.45
C ARG B 36 3.72 5.55 -13.84
N TRP B 37 3.73 4.45 -13.14
CA TRP B 37 2.40 3.98 -12.61
C TRP B 37 2.29 3.88 -11.11
N VAL B 38 1.13 4.27 -10.65
CA VAL B 38 0.86 4.23 -9.20
C VAL B 38 -0.36 3.33 -9.04
N LEU B 39 -0.31 2.56 -8.00
CA LEU B 39 -1.39 1.61 -7.65
C LEU B 39 -2.01 2.06 -6.34
N THR B 40 -3.31 2.04 -6.25
CA THR B 40 -4.02 2.46 -5.01
C THR B 40 -5.38 1.70 -5.00
N ALA B 41 -6.17 2.06 -4.02
CA ALA B 41 -7.51 1.49 -3.80
C ALA B 41 -8.52 2.40 -4.48
N ALA B 42 -9.38 1.76 -5.19
CA ALA B 42 -10.42 2.48 -5.91
C ALA B 42 -11.34 3.25 -5.01
N HIS B 43 -11.47 2.82 -3.79
CA HIS B 43 -12.39 3.57 -2.91
C HIS B 43 -11.82 4.93 -2.52
N CYS B 44 -10.54 5.12 -2.79
CA CYS B 44 -9.85 6.40 -2.46
C CYS B 44 -10.21 7.45 -3.39
N LEU B 45 -10.61 6.98 -4.54
CA LEU B 45 -11.00 7.89 -5.62
C LEU B 45 -12.52 8.04 -5.87
N LEU B 46 -13.18 6.90 -5.91
CA LEU B 46 -14.64 6.85 -6.18
C LEU B 46 -15.44 6.10 -5.15
N TYR B 47 -16.29 6.75 -4.43
CA TYR B 47 -17.10 6.04 -3.41
C TYR B 47 -18.43 6.77 -3.34
N PRO B 48 -19.32 6.49 -4.25
CA PRO B 48 -20.61 7.21 -4.35
C PRO B 48 -21.42 7.46 -3.05
N PRO B 49 -21.50 6.50 -2.17
CA PRO B 49 -22.15 6.70 -0.86
C PRO B 49 -21.84 8.04 -0.22
N TRP B 50 -20.58 8.41 -0.32
CA TRP B 50 -20.10 9.69 0.29
C TRP B 50 -19.65 10.63 -0.76
N ASP B 51 -20.40 10.69 -1.79
CA ASP B 51 -20.08 11.58 -2.92
C ASP B 51 -18.58 11.72 -3.25
N LYS B 52 -17.80 10.68 -3.21
CA LYS B 52 -16.36 10.87 -3.55
C LYS B 52 -16.27 10.47 -4.98
N ASN B 53 -15.61 11.26 -5.76
CA ASN B 53 -15.45 10.95 -7.19
C ASN B 53 -14.45 11.97 -7.66
N PHE B 54 -13.21 11.65 -7.48
CA PHE B 54 -12.14 12.58 -7.89
C PHE B 54 -11.65 12.22 -9.28
N THR B 55 -11.04 13.21 -9.85
CA THR B 55 -10.45 13.18 -11.21
C THR B 55 -8.99 13.55 -11.07
N GLU B 56 -8.29 13.38 -12.16
CA GLU B 56 -6.84 13.69 -12.29
C GLU B 56 -6.45 15.00 -11.59
N ASN B 57 -7.15 15.99 -12.05
CA ASN B 57 -6.99 17.41 -11.60
C ASN B 57 -7.18 17.70 -10.16
N ASP B 58 -7.82 16.81 -9.46
CA ASP B 58 -8.03 17.12 -8.03
C ASP B 58 -6.98 16.55 -7.16
N LEU B 59 -6.17 15.71 -7.73
CA LEU B 59 -5.08 15.04 -6.95
C LEU B 59 -3.69 15.35 -7.42
N LEU B 60 -2.81 15.04 -6.52
CA LEU B 60 -1.37 15.20 -6.72
C LEU B 60 -0.81 13.91 -6.08
N VAL B 61 0.32 13.44 -6.52
CA VAL B 61 0.97 12.21 -5.99
C VAL B 61 2.28 12.68 -5.40
N ARG B 62 2.53 12.50 -4.13
CA ARG B 62 3.82 12.98 -3.54
C ARG B 62 4.67 11.71 -3.29
N ILE B 63 5.82 11.67 -3.90
CA ILE B 63 6.73 10.50 -3.76
C ILE B 63 8.03 10.82 -3.06
N GLY B 64 8.57 9.89 -2.32
CA GLY B 64 9.89 10.13 -1.61
C GLY B 64 9.74 10.60 -0.18
N LYS B 65 8.53 10.66 0.31
CA LYS B 65 8.32 11.15 1.69
C LYS B 65 8.56 10.22 2.86
N HIS B 66 8.66 10.92 3.95
CA HIS B 66 8.89 10.38 5.31
C HIS B 66 7.94 11.20 6.21
N SER B 67 8.23 12.48 6.33
CA SER B 67 7.41 13.42 7.15
C SER B 67 6.00 13.40 6.53
N ARG B 68 4.98 13.64 7.30
CA ARG B 68 3.63 13.63 6.71
C ARG B 68 3.22 15.02 6.23
N THR B 69 3.43 15.99 7.08
CA THR B 69 3.05 17.40 6.75
C THR B 69 4.07 18.34 6.09
N ARG B 70 5.31 17.95 6.01
CA ARG B 70 6.30 18.87 5.40
C ARG B 70 6.68 18.56 3.99
N TYR B 71 6.98 19.62 3.29
CA TYR B 71 7.37 19.51 1.87
C TYR B 71 8.90 19.33 2.04
N GLU B 72 9.34 18.12 1.80
CA GLU B 72 10.78 17.72 1.91
C GLU B 72 11.49 18.05 0.61
N ARG B 73 11.86 19.30 0.59
CA ARG B 73 12.58 19.93 -0.52
C ARG B 73 13.82 19.12 -0.85
N ASN B 74 13.98 18.91 -2.12
CA ASN B 74 15.14 18.14 -2.69
C ASN B 74 15.06 16.63 -2.39
N ILE B 75 14.01 16.16 -1.77
CA ILE B 75 13.93 14.69 -1.48
C ILE B 75 12.67 14.12 -2.16
N GLU B 76 11.53 14.72 -1.96
CA GLU B 76 10.26 14.20 -2.58
C GLU B 76 9.97 14.81 -3.90
N LYS B 77 9.17 14.16 -4.70
CA LYS B 77 8.79 14.66 -6.06
C LYS B 77 7.25 14.72 -6.01
N ILE B 78 6.68 15.55 -6.83
CA ILE B 78 5.21 15.74 -6.90
C ILE B 78 4.88 15.56 -8.35
N SER B 79 3.91 14.73 -8.63
CA SER B 79 3.52 14.49 -10.05
C SER B 79 2.04 14.70 -10.18
N MET B 80 1.66 14.95 -11.40
CA MET B 80 0.22 15.17 -11.64
C MET B 80 -0.14 13.91 -12.38
N LEU B 81 -1.39 13.67 -12.46
CA LEU B 81 -1.86 12.45 -13.13
C LEU B 81 -2.31 12.82 -14.50
N GLU B 82 -2.15 11.82 -15.32
CA GLU B 82 -2.49 11.86 -16.74
C GLU B 82 -3.81 11.11 -16.83
N LYS B 83 -3.86 9.91 -16.31
CA LYS B 83 -5.15 9.12 -16.37
C LYS B 83 -5.38 8.29 -15.09
N ILE B 84 -6.63 7.99 -14.78
CA ILE B 84 -7.02 7.18 -13.59
C ILE B 84 -7.88 6.10 -14.20
N TYR B 85 -7.57 4.89 -13.84
CA TYR B 85 -8.32 3.71 -14.36
C TYR B 85 -8.79 3.00 -13.12
N ILE B 86 -10.05 2.70 -13.09
CA ILE B 86 -10.63 2.00 -11.92
C ILE B 86 -10.96 0.59 -12.45
N HIS B 87 -11.00 -0.35 -11.56
CA HIS B 87 -11.32 -1.71 -12.07
C HIS B 87 -12.79 -1.64 -12.59
N PRO B 88 -13.06 -2.08 -13.79
CA PRO B 88 -14.42 -2.10 -14.38
C PRO B 88 -15.50 -2.79 -13.49
N ARG B 89 -15.06 -3.61 -12.57
CA ARG B 89 -16.02 -4.31 -11.68
C ARG B 89 -15.81 -4.03 -10.21
N TYR B 90 -15.21 -2.92 -9.93
CA TYR B 90 -14.99 -2.55 -8.50
C TYR B 90 -16.45 -2.49 -7.98
N ASN B 91 -16.69 -3.09 -6.87
CA ASN B 91 -18.07 -3.12 -6.27
C ASN B 91 -18.14 -2.25 -5.04
N TRP B 92 -18.63 -1.07 -5.22
CA TRP B 92 -18.73 -0.14 -4.06
C TRP B 92 -20.11 -0.25 -3.49
N ARG B 93 -20.96 -0.94 -4.17
CA ARG B 93 -22.31 -1.07 -3.65
C ARG B 93 -22.36 -2.08 -2.53
N GLU B 94 -21.61 -3.15 -2.62
CA GLU B 94 -21.69 -4.17 -1.52
C GLU B 94 -20.50 -4.37 -0.60
N ASN B 95 -19.44 -4.97 -1.07
CA ASN B 95 -18.21 -5.23 -0.22
C ASN B 95 -16.83 -4.72 -0.74
N LEU B 96 -16.75 -3.72 -1.60
CA LEU B 96 -15.41 -3.19 -2.11
C LEU B 96 -14.59 -4.33 -2.73
N ASP B 97 -15.28 -5.15 -3.45
CA ASP B 97 -14.61 -6.29 -4.11
C ASP B 97 -13.96 -5.58 -5.30
N ARG B 98 -12.79 -6.02 -5.67
CA ARG B 98 -11.96 -5.48 -6.80
C ARG B 98 -11.63 -4.01 -6.58
N ASP B 99 -11.30 -3.74 -5.38
CA ASP B 99 -10.95 -2.36 -4.99
C ASP B 99 -9.55 -2.02 -5.44
N ILE B 100 -9.35 -1.83 -6.71
CA ILE B 100 -7.99 -1.52 -7.20
C ILE B 100 -8.06 -0.41 -8.22
N ALA B 101 -7.05 0.43 -8.24
CA ALA B 101 -7.06 1.53 -9.24
C ALA B 101 -5.64 1.78 -9.63
N LEU B 102 -5.48 2.24 -10.84
CA LEU B 102 -4.15 2.56 -11.43
C LEU B 102 -4.21 4.01 -11.85
N MET B 103 -3.11 4.69 -11.68
CA MET B 103 -3.01 6.13 -12.06
C MET B 103 -1.74 6.20 -12.93
N LYS B 104 -1.82 6.95 -13.99
CA LYS B 104 -0.69 7.12 -14.95
C LYS B 104 -0.16 8.52 -14.65
N LEU B 105 1.11 8.68 -14.38
CA LEU B 105 1.60 10.06 -14.08
C LEU B 105 1.83 10.85 -15.36
N LYS B 106 1.86 12.14 -15.19
CA LYS B 106 2.07 13.05 -16.35
C LYS B 106 3.45 12.73 -16.94
N LYS B 107 4.43 12.82 -16.08
CA LYS B 107 5.83 12.54 -16.51
C LYS B 107 6.45 11.47 -15.62
N PRO B 108 7.40 10.73 -16.15
CA PRO B 108 8.15 9.74 -15.35
C PRO B 108 8.82 10.45 -14.18
N VAL B 109 9.19 9.69 -13.21
CA VAL B 109 9.86 10.28 -12.03
C VAL B 109 11.22 9.60 -12.15
N ALA B 110 12.22 10.20 -11.57
CA ALA B 110 13.57 9.62 -11.63
C ALA B 110 13.64 8.96 -10.27
N PHE B 111 14.31 7.85 -10.22
CA PHE B 111 14.42 7.14 -8.93
C PHE B 111 15.52 7.78 -8.13
N SER B 112 15.59 7.41 -6.89
CA SER B 112 16.61 7.97 -6.00
C SER B 112 16.74 6.90 -4.94
N ASP B 113 17.36 7.26 -3.89
CA ASP B 113 17.56 6.33 -2.75
C ASP B 113 16.24 6.31 -1.95
N TYR B 114 15.43 7.32 -2.20
CA TYR B 114 14.11 7.47 -1.51
C TYR B 114 12.89 7.13 -2.34
N ILE B 115 13.12 7.02 -3.62
CA ILE B 115 12.07 6.69 -4.61
C ILE B 115 12.56 5.47 -5.40
N HIS B 116 11.87 4.34 -5.28
CA HIS B 116 12.24 3.09 -6.00
C HIS B 116 10.92 2.20 -6.09
N PRO B 117 10.61 1.55 -7.18
CA PRO B 117 9.36 0.75 -7.29
C PRO B 117 9.45 -0.61 -6.58
N VAL B 118 8.26 -1.15 -6.35
CA VAL B 118 8.09 -2.48 -5.68
C VAL B 118 7.73 -3.47 -6.79
N CYS B 119 7.89 -4.73 -6.52
CA CYS B 119 7.56 -5.72 -7.57
C CYS B 119 6.14 -6.22 -7.35
N LEU B 120 5.56 -6.60 -8.42
CA LEU B 120 4.17 -7.12 -8.35
C LEU B 120 4.44 -8.60 -8.40
N PRO B 121 3.64 -9.41 -7.73
CA PRO B 121 3.97 -10.82 -7.56
C PRO B 121 3.61 -11.64 -8.81
N ASP B 122 4.18 -12.80 -8.92
CA ASP B 122 3.91 -13.69 -10.05
C ASP B 122 3.27 -14.92 -9.39
N ARG B 123 2.49 -15.65 -10.12
CA ARG B 123 1.79 -16.89 -9.66
C ARG B 123 2.60 -17.69 -8.64
N GLU B 124 3.84 -17.95 -8.91
CA GLU B 124 4.61 -18.75 -7.90
C GLU B 124 4.95 -17.99 -6.63
N THR B 125 5.24 -16.73 -6.71
CA THR B 125 5.58 -15.99 -5.45
C THR B 125 4.28 -15.89 -4.62
N ALA B 126 3.18 -15.64 -5.30
CA ALA B 126 1.89 -15.54 -4.56
C ALA B 126 1.69 -16.84 -3.85
N ALA B 127 1.84 -17.87 -4.64
CA ALA B 127 1.68 -19.27 -4.14
C ALA B 127 2.51 -19.55 -2.90
N SER B 128 3.78 -19.27 -2.98
CA SER B 128 4.67 -19.53 -1.82
C SER B 128 4.64 -18.51 -0.68
N LEU B 129 4.15 -17.31 -0.82
CA LEU B 129 4.15 -16.38 0.36
C LEU B 129 2.78 -16.10 0.93
N LEU B 130 1.74 -16.14 0.15
CA LEU B 130 0.42 -15.85 0.77
C LEU B 130 -0.10 -17.13 1.49
N GLN B 131 0.48 -17.39 2.63
CA GLN B 131 0.14 -18.55 3.49
C GLN B 131 -0.18 -18.01 4.91
N ALA B 132 -1.20 -18.53 5.54
CA ALA B 132 -1.59 -18.08 6.92
C ALA B 132 -0.41 -18.20 7.87
N GLY B 133 -0.20 -17.21 8.69
CA GLY B 133 0.97 -17.29 9.64
C GLY B 133 2.11 -16.42 9.13
N TYR B 134 2.22 -16.31 7.83
CA TYR B 134 3.30 -15.49 7.26
C TYR B 134 2.94 -14.04 7.47
N LYS B 135 3.98 -13.29 7.72
CA LYS B 135 3.83 -11.84 7.97
C LYS B 135 4.23 -11.00 6.76
N GLY B 136 3.47 -9.95 6.63
CA GLY B 136 3.60 -8.92 5.58
C GLY B 136 3.77 -7.58 6.33
N ARG B 137 4.00 -6.51 5.60
CA ARG B 137 4.20 -5.16 6.23
C ARG B 137 3.26 -4.14 5.61
N VAL B 138 2.80 -3.22 6.39
CA VAL B 138 1.87 -2.17 5.89
C VAL B 138 2.48 -0.85 6.36
N THR B 139 2.38 0.17 5.53
CA THR B 139 2.91 1.48 5.87
C THR B 139 1.87 2.55 5.53
N GLY B 140 1.97 3.64 6.22
CA GLY B 140 1.00 4.73 5.96
C GLY B 140 1.15 5.85 6.97
N TRP B 141 0.50 6.93 6.65
CA TRP B 141 0.45 8.19 7.45
C TRP B 141 -0.93 8.38 8.07
N GLY B 142 -1.68 7.31 8.08
CA GLY B 142 -3.04 7.35 8.63
C GLY B 142 -3.02 7.51 10.14
N ASN B 143 -4.21 7.50 10.67
CA ASN B 143 -4.38 7.65 12.15
C ASN B 143 -3.66 6.56 12.94
N LEU B 144 -3.40 6.95 14.16
CA LEU B 144 -2.71 6.09 15.15
C LEU B 144 -3.69 5.41 16.08
N LYS B 145 -4.89 5.87 16.08
CA LYS B 145 -5.96 5.32 16.94
C LYS B 145 -7.23 5.38 16.10
N GLU B 146 -8.22 4.63 16.51
CA GLU B 146 -9.52 4.57 15.79
C GLU B 146 -10.17 5.92 15.92
N THR B 147 -10.02 6.51 17.08
CA THR B 147 -10.58 7.84 17.37
C THR B 147 -9.42 8.50 18.19
N GLY B 155 -4.59 12.50 16.59
CA GLY B 155 -3.76 11.26 16.68
C GLY B 155 -3.24 10.92 15.27
N GLN B 156 -2.46 11.77 14.67
CA GLN B 156 -1.92 11.51 13.29
C GLN B 156 -0.38 11.61 13.46
N PRO B 157 0.41 10.79 12.79
CA PRO B 157 1.87 10.70 13.10
C PRO B 157 2.66 11.78 12.38
N SER B 158 3.89 11.95 12.73
CA SER B 158 4.67 13.01 12.01
C SER B 158 5.47 12.40 10.82
N VAL B 159 5.81 11.17 11.05
CA VAL B 159 6.59 10.32 10.10
C VAL B 159 5.76 9.08 9.60
N LEU B 160 6.28 8.45 8.58
CA LEU B 160 5.60 7.26 7.98
C LEU B 160 5.70 6.18 9.02
N GLN B 161 4.62 5.45 9.20
CA GLN B 161 4.58 4.34 10.23
C GLN B 161 4.62 2.97 9.56
N VAL B 162 5.06 1.98 10.27
CA VAL B 162 5.11 0.60 9.71
C VAL B 162 4.70 -0.38 10.84
N VAL B 163 4.12 -1.50 10.45
CA VAL B 163 3.66 -2.58 11.38
C VAL B 163 3.74 -3.87 10.51
N ASN B 164 4.08 -4.98 11.11
CA ASN B 164 4.19 -6.28 10.37
C ASN B 164 3.03 -7.09 10.93
N LEU B 165 2.22 -7.61 10.07
CA LEU B 165 1.02 -8.41 10.51
C LEU B 165 1.04 -9.77 9.87
N PRO B 166 0.57 -10.78 10.54
CA PRO B 166 0.28 -12.09 9.92
C PRO B 166 -0.99 -12.24 9.08
N ILE B 167 -0.91 -13.11 8.12
CA ILE B 167 -2.08 -13.38 7.23
C ILE B 167 -2.94 -14.35 8.06
N VAL B 168 -4.23 -14.21 7.95
CA VAL B 168 -5.14 -15.08 8.73
C VAL B 168 -5.81 -16.07 7.76
N GLU B 169 -6.23 -17.16 8.35
CA GLU B 169 -6.90 -18.22 7.57
C GLU B 169 -8.22 -17.65 7.09
N ARG B 170 -8.57 -17.89 5.88
CA ARG B 170 -9.85 -17.36 5.39
C ARG B 170 -11.06 -17.64 6.29
N PRO B 171 -11.31 -18.87 6.76
CA PRO B 171 -12.43 -19.16 7.70
C PRO B 171 -12.53 -18.17 8.90
N VAL B 172 -11.40 -17.82 9.39
CA VAL B 172 -11.34 -16.89 10.54
C VAL B 172 -11.76 -15.47 10.06
N CYS B 173 -11.32 -15.09 8.90
CA CYS B 173 -11.67 -13.74 8.34
C CYS B 173 -13.18 -13.63 8.12
N LYS B 174 -13.68 -14.62 7.47
CA LYS B 174 -15.14 -14.65 7.17
C LYS B 174 -15.94 -14.69 8.46
N ASP B 175 -15.47 -15.42 9.43
CA ASP B 175 -16.26 -15.49 10.72
C ASP B 175 -16.14 -14.33 11.67
N SER B 176 -15.51 -13.28 11.20
CA SER B 176 -15.33 -12.08 12.06
C SER B 176 -16.20 -10.95 11.55
N THR B 177 -16.82 -11.13 10.42
CA THR B 177 -17.66 -10.06 9.87
C THR B 177 -18.93 -10.66 9.26
N ARG B 178 -19.80 -9.76 8.87
CA ARG B 178 -21.10 -10.11 8.24
C ARG B 178 -20.93 -9.77 6.76
N ILE B 179 -19.91 -9.05 6.40
CA ILE B 179 -19.71 -8.70 4.97
C ILE B 179 -19.23 -9.92 4.22
N ARG B 180 -19.60 -10.03 2.98
CA ARG B 180 -19.19 -11.18 2.17
C ARG B 180 -17.72 -11.09 1.66
N ILE B 181 -16.85 -11.95 2.12
CA ILE B 181 -15.44 -11.96 1.69
C ILE B 181 -15.49 -12.64 0.31
N THR B 182 -14.65 -12.25 -0.61
CA THR B 182 -14.64 -12.84 -1.96
C THR B 182 -13.21 -13.37 -2.14
N ASP B 183 -12.94 -14.01 -3.23
CA ASP B 183 -11.55 -14.51 -3.34
C ASP B 183 -10.58 -13.40 -3.70
N ASN B 184 -11.05 -12.20 -3.95
CA ASN B 184 -10.13 -11.06 -4.33
C ASN B 184 -9.67 -10.23 -3.12
N MET B 185 -9.79 -10.78 -1.95
CA MET B 185 -9.38 -10.07 -0.72
C MET B 185 -8.77 -11.10 0.20
N PHE B 186 -8.10 -10.66 1.20
CA PHE B 186 -7.50 -11.57 2.20
C PHE B 186 -7.49 -10.74 3.48
N CYS B 187 -7.26 -11.28 4.65
CA CYS B 187 -7.26 -10.44 5.87
C CYS B 187 -5.97 -10.77 6.59
N ALA B 188 -5.58 -9.90 7.47
CA ALA B 188 -4.31 -10.13 8.23
C ALA B 188 -4.48 -9.47 9.57
N GLY B 189 -3.70 -9.82 10.54
CA GLY B 189 -3.82 -9.21 11.88
C GLY B 189 -3.56 -10.27 12.91
N TYR B 190 -3.38 -9.88 14.13
CA TYR B 190 -3.12 -10.88 15.20
C TYR B 190 -4.49 -11.26 15.75
N LYS B 191 -4.52 -12.35 16.46
CA LYS B 191 -5.82 -12.84 17.06
C LYS B 191 -5.83 -12.20 18.44
N PRO B 192 -7.00 -12.11 19.05
CA PRO B 192 -7.12 -11.54 20.43
C PRO B 192 -6.14 -12.23 21.42
N ASP B 193 -5.90 -13.47 21.02
CA ASP B 193 -5.02 -14.46 21.71
C ASP B 193 -3.63 -14.60 21.12
N GLU B 194 -3.00 -13.50 20.84
CA GLU B 194 -1.61 -13.56 20.27
C GLU B 194 -0.80 -12.42 20.89
N GLY B 195 -1.37 -11.84 21.91
CA GLY B 195 -0.77 -10.71 22.66
C GLY B 195 -0.03 -9.67 21.81
N LYS B 196 -0.38 -9.56 20.56
CA LYS B 196 0.27 -8.59 19.64
C LYS B 196 -0.89 -7.89 18.98
N ARG B 197 -0.69 -6.63 18.71
CA ARG B 197 -1.73 -5.77 18.05
C ARG B 197 -1.11 -5.17 16.79
N GLY B 198 -1.94 -4.38 16.18
CA GLY B 198 -1.56 -3.65 14.94
C GLY B 198 -2.61 -3.72 13.87
N ASP B 199 -2.69 -2.67 13.12
CA ASP B 199 -3.67 -2.60 12.01
C ASP B 199 -3.46 -1.28 11.27
N ALA B 200 -4.08 -1.24 10.12
CA ALA B 200 -4.03 -0.05 9.27
C ALA B 200 -5.27 0.66 9.86
N CYS B 201 -5.46 1.87 9.49
CA CYS B 201 -6.62 2.64 9.99
C CYS B 201 -6.90 3.68 8.93
N GLU B 202 -7.79 4.54 9.29
CA GLU B 202 -8.19 5.65 8.37
C GLU B 202 -6.93 6.40 7.93
N GLY B 203 -6.88 6.66 6.67
CA GLY B 203 -5.73 7.39 6.06
C GLY B 203 -4.69 6.49 5.52
N ASP B 204 -4.88 5.22 5.74
CA ASP B 204 -3.91 4.24 5.25
C ASP B 204 -4.48 3.56 4.01
N SER B 205 -5.77 3.60 3.73
CA SER B 205 -6.27 2.92 2.48
C SER B 205 -5.38 3.20 1.25
N GLY B 206 -5.38 2.29 0.30
CA GLY B 206 -4.58 2.45 -0.96
C GLY B 206 -3.15 2.04 -0.82
N GLY B 207 -2.65 2.00 0.38
CA GLY B 207 -1.23 1.61 0.54
C GLY B 207 -0.95 0.15 0.47
N PRO B 208 0.34 -0.13 0.45
CA PRO B 208 0.85 -1.49 0.23
C PRO B 208 1.08 -2.40 1.43
N PHE B 209 0.79 -3.65 1.16
CA PHE B 209 0.96 -4.74 2.17
C PHE B 209 2.06 -5.46 1.39
N VAL B 210 3.24 -5.61 1.95
CA VAL B 210 4.38 -6.28 1.25
C VAL B 210 5.04 -7.38 2.01
N MET B 211 5.74 -8.18 1.26
CA MET B 211 6.48 -9.34 1.81
C MET B 211 7.81 -9.33 1.09
N LYS B 212 8.77 -9.87 1.73
CA LYS B 212 10.13 -9.93 1.18
C LYS B 212 10.36 -11.41 0.82
N SER B 213 10.59 -11.67 -0.43
CA SER B 213 10.81 -13.09 -0.85
C SER B 213 12.20 -13.56 -0.32
N PRO B 214 12.23 -14.73 0.29
CA PRO B 214 13.53 -15.34 0.68
C PRO B 214 14.22 -16.08 -0.44
N PHE B 215 13.61 -16.10 -1.59
CA PHE B 215 14.21 -16.79 -2.77
C PHE B 215 15.12 -15.79 -3.50
N ASN B 216 14.65 -14.58 -3.72
CA ASN B 216 15.49 -13.52 -4.44
C ASN B 216 15.61 -12.17 -3.71
N ASN B 217 15.33 -12.17 -2.42
CA ASN B 217 15.39 -10.95 -1.55
C ASN B 217 14.64 -9.73 -2.05
N ARG B 218 13.66 -9.91 -2.87
CA ARG B 218 12.93 -8.74 -3.36
C ARG B 218 11.63 -8.61 -2.61
N TRP B 219 11.14 -7.37 -2.55
CA TRP B 219 9.87 -7.04 -1.86
C TRP B 219 8.83 -7.02 -2.96
N TYR B 220 7.74 -7.67 -2.64
CA TYR B 220 6.59 -7.81 -3.55
C TYR B 220 5.43 -7.23 -2.83
N GLN B 221 4.54 -6.67 -3.59
CA GLN B 221 3.36 -6.09 -2.93
C GLN B 221 2.26 -7.13 -3.17
N MET B 222 1.75 -7.70 -2.11
CA MET B 222 0.67 -8.73 -2.23
C MET B 222 -0.68 -8.14 -2.04
N GLY B 223 -0.76 -7.10 -1.24
CA GLY B 223 -2.10 -6.47 -1.00
C GLY B 223 -2.02 -4.97 -1.00
N ILE B 224 -3.21 -4.45 -1.00
CA ILE B 224 -3.50 -2.97 -0.98
C ILE B 224 -4.47 -2.84 0.25
N VAL B 225 -4.32 -1.83 1.07
CA VAL B 225 -5.20 -1.64 2.26
C VAL B 225 -6.57 -1.29 1.63
N SER B 226 -7.54 -2.05 2.02
CA SER B 226 -8.90 -1.88 1.50
C SER B 226 -9.89 -1.45 2.54
N TRP B 227 -10.13 -2.32 3.47
CA TRP B 227 -11.10 -1.97 4.52
C TRP B 227 -10.88 -2.69 5.83
N GLY B 228 -11.72 -2.36 6.76
CA GLY B 228 -11.68 -2.96 8.11
C GLY B 228 -12.86 -2.35 8.82
N GLU B 229 -13.19 -2.85 9.97
CA GLU B 229 -14.34 -2.30 10.74
C GLU B 229 -13.62 -1.75 11.99
N GLY B 230 -13.46 -0.47 12.00
CA GLY B 230 -12.78 0.17 13.14
C GLY B 230 -11.31 -0.06 12.94
N CYS B 231 -10.57 0.23 13.95
CA CYS B 231 -9.10 0.07 13.91
C CYS B 231 -8.55 -0.71 15.14
N ASP B 232 -7.84 -1.74 14.81
CA ASP B 232 -7.20 -2.61 15.82
C ASP B 232 -8.25 -3.10 16.85
N ARG B 233 -9.43 -3.45 16.39
CA ARG B 233 -10.42 -3.91 17.40
C ARG B 233 -10.16 -5.40 17.57
N ASP B 234 -10.30 -5.93 18.76
CA ASP B 234 -10.04 -7.40 18.94
C ASP B 234 -11.10 -8.20 18.24
N GLY B 235 -10.69 -9.28 17.64
CA GLY B 235 -11.72 -10.08 16.97
C GLY B 235 -11.91 -9.63 15.55
N LYS B 236 -11.43 -8.47 15.21
CA LYS B 236 -11.60 -7.99 13.80
C LYS B 236 -10.26 -8.05 13.05
N TYR B 237 -10.34 -7.98 11.75
CA TYR B 237 -9.11 -8.04 10.91
C TYR B 237 -9.16 -6.98 9.80
N GLY B 238 -8.03 -6.75 9.18
CA GLY B 238 -7.97 -5.76 8.09
C GLY B 238 -8.01 -6.58 6.86
N PHE B 239 -8.76 -6.08 5.92
CA PHE B 239 -8.92 -6.78 4.61
C PHE B 239 -8.14 -5.98 3.57
N TYR B 240 -7.55 -6.70 2.67
CA TYR B 240 -6.72 -6.13 1.58
C TYR B 240 -7.10 -6.65 0.22
N THR B 241 -6.84 -5.90 -0.81
CA THR B 241 -7.18 -6.40 -2.17
C THR B 241 -6.05 -7.45 -2.45
N HIS B 242 -6.41 -8.47 -3.17
CA HIS B 242 -5.46 -9.58 -3.53
C HIS B 242 -4.86 -9.19 -4.86
N VAL B 243 -3.70 -8.57 -4.82
CA VAL B 243 -3.02 -8.11 -6.07
C VAL B 243 -2.77 -9.15 -7.09
N PHE B 244 -2.26 -10.26 -6.68
CA PHE B 244 -2.03 -11.25 -7.73
C PHE B 244 -3.38 -11.63 -8.40
N ARG B 245 -4.51 -11.68 -7.74
CA ARG B 245 -5.73 -12.07 -8.53
C ARG B 245 -6.19 -10.99 -9.48
N LEU B 246 -5.72 -9.78 -9.31
CA LEU B 246 -6.17 -8.70 -10.25
C LEU B 246 -5.03 -8.27 -11.19
N LYS B 247 -3.97 -9.02 -11.18
CA LYS B 247 -2.78 -8.73 -12.03
C LYS B 247 -3.04 -8.74 -13.54
N LYS B 248 -3.85 -9.61 -14.05
CA LYS B 248 -4.08 -9.60 -15.52
C LYS B 248 -4.67 -8.25 -15.88
N TRP B 249 -5.60 -7.80 -15.10
CA TRP B 249 -6.26 -6.47 -15.32
C TRP B 249 -5.19 -5.40 -15.35
N ILE B 250 -4.29 -5.49 -14.41
CA ILE B 250 -3.19 -4.52 -14.34
C ILE B 250 -2.39 -4.53 -15.64
N GLN B 251 -1.89 -5.68 -16.00
CA GLN B 251 -1.08 -5.80 -17.27
C GLN B 251 -1.87 -5.29 -18.48
N LYS B 252 -3.13 -5.57 -18.54
CA LYS B 252 -3.95 -5.09 -19.69
C LYS B 252 -3.92 -3.56 -19.78
N VAL B 253 -4.28 -2.87 -18.72
CA VAL B 253 -4.26 -1.39 -18.82
C VAL B 253 -2.87 -0.83 -18.98
N ILE B 254 -1.86 -1.46 -18.47
CA ILE B 254 -0.51 -0.86 -18.65
C ILE B 254 0.08 -1.14 -20.05
N ASP B 255 -0.45 -2.10 -20.79
CA ASP B 255 0.13 -2.36 -22.16
C ASP B 255 -0.87 -2.04 -23.23
N GLN B 256 -1.94 -1.43 -22.81
CA GLN B 256 -2.99 -1.05 -23.76
C GLN B 256 -2.97 0.49 -23.80
N PHE B 257 -2.50 1.06 -22.71
CA PHE B 257 -2.38 2.53 -22.52
C PHE B 257 -0.94 2.91 -22.13
N ASP C 1 -2.05 22.66 9.06
CA ASP C 1 -1.36 21.38 9.39
C ASP C 1 -0.37 21.04 8.27
N PHE C 2 -0.75 21.02 7.01
CA PHE C 2 0.30 20.67 6.01
C PHE C 2 0.97 21.95 5.56
N GLU C 3 2.25 21.82 5.32
CA GLU C 3 3.08 22.95 4.87
C GLU C 3 2.65 23.17 3.43
N GLU C 4 3.00 24.31 2.90
CA GLU C 4 2.63 24.64 1.50
C GLU C 4 3.67 24.03 0.61
N ILE C 5 3.21 23.72 -0.56
CA ILE C 5 4.10 23.11 -1.55
C ILE C 5 4.27 24.21 -2.62
N PRO C 6 5.36 24.17 -3.35
CA PRO C 6 5.62 25.11 -4.47
C PRO C 6 4.38 25.24 -5.38
N GLU C 7 4.09 26.47 -5.69
CA GLU C 7 2.91 26.80 -6.57
C GLU C 7 2.92 26.07 -7.91
N GLU C 8 4.06 25.76 -8.48
CA GLU C 8 3.98 25.06 -9.82
C GLU C 8 3.40 23.65 -9.75
N LEU C 10 0.26 23.13 -8.57
CA LEU C 10 -1.23 23.29 -8.51
C LEU C 10 -1.57 23.59 -9.98
N GLN C 11 -1.18 24.74 -10.45
CA GLN C 11 -1.43 25.18 -11.86
C GLN C 11 -2.93 25.11 -12.17
#